data_4S1A
#
_entry.id   4S1A
#
_cell.length_a   58.539
_cell.length_b   65.483
_cell.length_c   113.021
_cell.angle_alpha   90.00
_cell.angle_beta   90.00
_cell.angle_gamma   90.00
#
_symmetry.space_group_name_H-M   'P 21 21 21'
#
loop_
_entity.id
_entity.type
_entity.pdbx_description
1 polymer 'Uncharacterized protein'
2 non-polymer 2-AMINO-2-HYDROXYMETHYL-PROPANE-1,3-DIOL
3 non-polymer 'TETRAETHYLENE GLYCOL'
4 non-polymer 'CITRATE ANION'
5 water water
#
_entity_poly.entity_id   1
_entity_poly.type   'polypeptide(L)'
_entity_poly.pdbx_seq_one_letter_code
;SNAALYLTGWTVGSDERLQHYVDLANRTEINAYVVDIKDDDGYVGYESNIPAVREIGAWKSKYNVDKVLKTFHDNNIHVI
GRLVCFKDPVLSSKKPELAVKSVNGGSWRDNHNLTWLDPYNKDSWPYLIEIAKEAVEKGFDEIQFDYIRFPNDGSKKS
(MSE)SFNTGGKEKHEIINEFLAYAREQLPGVVLSADVFGIILESPADTEDIGQYLEKIVKDVDYISP(MSE)VYPSHYA
VGQ
;
_entity_poly.pdbx_strand_id   A,B
#
# COMPACT_ATOMS: atom_id res chain seq x y z
N ALA A 4 6.91 9.37 2.69
CA ALA A 4 7.26 10.61 1.87
C ALA A 4 8.31 10.38 0.76
N LEU A 5 9.33 9.62 1.15
CA LEU A 5 10.43 9.34 0.29
C LEU A 5 10.96 7.96 0.64
N TYR A 6 11.47 7.32 -0.38
CA TYR A 6 12.13 6.06 -0.26
C TYR A 6 13.62 6.35 -0.25
N LEU A 7 14.31 5.78 0.73
CA LEU A 7 15.73 5.90 0.86
C LEU A 7 16.44 4.53 0.83
N THR A 8 17.49 4.39 0.02
CA THR A 8 18.26 3.15 0.05
C THR A 8 19.10 3.05 1.35
N GLY A 9 19.58 1.86 1.62
CA GLY A 9 20.50 1.65 2.74
C GLY A 9 21.79 2.39 2.55
N TRP A 10 22.24 2.44 1.32
CA TRP A 10 23.48 3.19 1.06
C TRP A 10 23.32 4.65 1.40
N THR A 11 22.18 5.22 0.99
CA THR A 11 21.88 6.64 1.28
C THR A 11 21.95 6.95 2.78
N VAL A 12 21.20 6.20 3.58
CA VAL A 12 21.18 6.42 5.07
C VAL A 12 22.51 6.11 5.75
N GLY A 13 23.35 5.29 5.09
CA GLY A 13 24.65 4.93 5.59
C GLY A 13 25.66 6.05 5.40
N SER A 14 25.29 7.09 4.67
CA SER A 14 26.13 8.31 4.57
C SER A 14 25.70 9.30 5.64
N ASP A 15 26.60 9.70 6.53
CA ASP A 15 26.24 10.68 7.54
C ASP A 15 25.77 11.99 6.93
N GLU A 16 26.42 12.45 5.87
CA GLU A 16 25.98 13.70 5.22
C GLU A 16 24.56 13.56 4.74
N ARG A 17 24.26 12.43 4.12
CA ARG A 17 22.95 12.24 3.53
C ARG A 17 21.87 12.00 4.63
N LEU A 18 22.19 11.19 5.63
CA LEU A 18 21.33 11.08 6.79
C LEU A 18 20.97 12.41 7.42
N GLN A 19 21.94 13.28 7.68
CA GLN A 19 21.64 14.60 8.24
C GLN A 19 20.76 15.43 7.32
N HIS A 20 21.01 15.32 6.01
CA HIS A 20 20.19 16.02 5.03
C HIS A 20 18.71 15.65 5.13
N TYR A 21 18.43 14.35 5.28
CA TYR A 21 17.06 13.90 5.36
C TYR A 21 16.40 14.20 6.70
N VAL A 22 17.20 14.24 7.75
CA VAL A 22 16.73 14.74 9.04
C VAL A 22 16.34 16.24 8.96
N ASP A 23 17.24 17.03 8.39
CA ASP A 23 16.96 18.49 8.21
C ASP A 23 15.75 18.69 7.33
N LEU A 24 15.63 17.93 6.26
CA LEU A 24 14.46 18.04 5.40
C LEU A 24 13.15 17.78 6.14
N ALA A 25 13.09 16.71 6.94
CA ALA A 25 11.88 16.38 7.71
C ALA A 25 11.61 17.44 8.77
N ASN A 26 12.67 17.96 9.37
CA ASN A 26 12.51 18.95 10.42
C ASN A 26 11.92 20.24 9.88
N ARG A 27 12.15 20.56 8.61
CA ARG A 27 11.73 21.88 8.11
C ARG A 27 10.57 21.81 7.16
N THR A 28 10.07 20.62 6.90
CA THR A 28 8.93 20.42 6.02
C THR A 28 7.90 19.50 6.64
N GLU A 29 6.84 19.24 5.88
CA GLU A 29 5.72 18.35 6.24
C GLU A 29 6.11 16.84 6.32
N ILE A 30 7.24 16.49 5.73
CA ILE A 30 7.74 15.13 5.75
C ILE A 30 7.89 14.69 7.19
N ASN A 31 7.40 13.51 7.52
CA ASN A 31 7.59 12.98 8.86
C ASN A 31 7.80 11.49 8.90
N ALA A 32 8.12 10.91 7.74
CA ALA A 32 8.30 9.48 7.63
C ALA A 32 9.14 9.17 6.40
N TYR A 33 10.03 8.18 6.52
CA TYR A 33 10.77 7.64 5.40
C TYR A 33 10.57 6.16 5.31
N VAL A 34 10.68 5.64 4.07
CA VAL A 34 10.83 4.20 3.85
C VAL A 34 12.31 3.93 3.64
N VAL A 35 12.87 3.01 4.40
CA VAL A 35 14.33 2.67 4.34
C VAL A 35 14.44 1.18 4.07
N ASP A 36 15.26 0.76 3.10
CA ASP A 36 15.44 -0.65 2.85
C ASP A 36 16.01 -1.45 4.00
N ILE A 37 15.29 -2.51 4.38
CA ILE A 37 15.86 -3.59 5.17
C ILE A 37 16.62 -4.56 4.23
N LYS A 38 15.90 -5.08 3.25
CA LYS A 38 16.47 -6.02 2.25
C LYS A 38 15.94 -5.54 0.87
N ASP A 39 16.82 -4.96 0.06
CA ASP A 39 16.49 -4.49 -1.27
C ASP A 39 16.49 -5.66 -2.28
N ASP A 40 16.25 -5.38 -3.57
CA ASP A 40 16.16 -6.48 -4.51
C ASP A 40 17.46 -7.14 -4.92
N ASP A 41 18.57 -6.67 -4.36
CA ASP A 41 19.83 -7.38 -4.48
C ASP A 41 19.97 -8.64 -3.65
N GLY A 42 19.07 -8.78 -2.67
CA GLY A 42 19.00 -9.95 -1.82
C GLY A 42 19.88 -9.87 -0.59
N TYR A 43 20.41 -8.67 -0.30
CA TYR A 43 21.24 -8.53 0.92
C TYR A 43 20.50 -7.67 1.96
N VAL A 44 20.49 -8.13 3.22
CA VAL A 44 20.05 -7.27 4.33
C VAL A 44 21.07 -6.12 4.38
N GLY A 45 20.62 -4.90 4.57
CA GLY A 45 21.44 -3.69 4.45
C GLY A 45 22.26 -3.29 5.69
N TYR A 46 22.20 -4.13 6.72
CA TYR A 46 22.96 -3.92 7.94
C TYR A 46 23.40 -5.30 8.42
N GLU A 47 24.33 -5.35 9.36
CA GLU A 47 24.75 -6.62 9.92
C GLU A 47 23.67 -7.37 10.66
N SER A 48 23.35 -8.54 10.14
CA SER A 48 22.32 -9.40 10.72
C SER A 48 22.95 -10.35 11.68
N ASN A 49 22.19 -10.69 12.74
CA ASN A 49 22.53 -11.76 13.65
C ASN A 49 21.77 -13.04 13.38
N ILE A 50 20.98 -13.05 12.30
CA ILE A 50 20.16 -14.23 12.01
C ILE A 50 21.07 -15.32 11.45
N PRO A 51 21.10 -16.51 12.06
CA PRO A 51 22.02 -17.56 11.59
C PRO A 51 21.96 -17.91 10.10
N ALA A 52 20.76 -17.98 9.51
CA ALA A 52 20.63 -18.34 8.08
C ALA A 52 21.20 -17.26 7.17
N VAL A 53 21.08 -16.02 7.61
CA VAL A 53 21.52 -14.87 6.82
C VAL A 53 23.02 -14.84 6.90
N ARG A 54 23.56 -15.04 8.12
CA ARG A 54 24.98 -14.99 8.26
C ARG A 54 25.62 -16.16 7.55
N GLU A 55 24.97 -17.30 7.58
CA GLU A 55 25.56 -18.47 6.99
C GLU A 55 25.81 -18.36 5.47
N ILE A 56 24.89 -17.73 4.72
CA ILE A 56 25.05 -17.55 3.30
C ILE A 56 25.59 -16.18 2.93
N GLY A 57 26.03 -15.40 3.91
CA GLY A 57 26.56 -14.05 3.65
C GLY A 57 25.60 -13.03 3.06
N ALA A 58 24.32 -13.14 3.39
CA ALA A 58 23.30 -12.29 2.76
C ALA A 58 23.04 -10.98 3.51
N TRP A 59 24.13 -10.34 3.90
CA TRP A 59 24.03 -9.04 4.50
C TRP A 59 25.25 -8.25 4.06
N LYS A 60 25.07 -6.94 4.03
CA LYS A 60 26.14 -5.99 3.73
C LYS A 60 26.08 -4.85 4.72
N SER A 61 27.21 -4.16 4.93
CA SER A 61 27.30 -3.00 5.79
C SER A 61 26.86 -1.75 5.07
N LYS A 62 25.61 -1.70 4.63
CA LYS A 62 25.20 -0.49 3.89
C LYS A 62 25.03 0.68 4.89
N TYR A 63 24.48 0.33 6.04
CA TYR A 63 24.31 1.25 7.15
C TYR A 63 24.35 0.60 8.51
N ASN A 64 24.54 1.43 9.52
CA ASN A 64 24.44 1.05 10.95
C ASN A 64 23.00 1.26 11.36
N VAL A 65 22.26 0.17 11.49
CA VAL A 65 20.86 0.27 11.70
C VAL A 65 20.52 0.93 13.06
N ASP A 66 21.30 0.67 14.10
CA ASP A 66 21.04 1.29 15.39
C ASP A 66 21.15 2.83 15.30
N LYS A 67 22.17 3.33 14.62
CA LYS A 67 22.43 4.78 14.55
C LYS A 67 21.37 5.46 13.67
N VAL A 68 21.03 4.84 12.55
CA VAL A 68 20.01 5.39 11.66
C VAL A 68 18.66 5.48 12.37
N LEU A 69 18.24 4.40 13.01
CA LEU A 69 16.94 4.43 13.69
C LEU A 69 16.90 5.45 14.84
N LYS A 70 17.99 5.53 15.61
CA LYS A 70 18.07 6.45 16.74
C LYS A 70 17.96 7.87 16.25
N THR A 71 18.72 8.20 15.22
CA THR A 71 18.67 9.56 14.62
C THR A 71 17.28 9.93 14.13
N PHE A 72 16.64 9.02 13.43
CA PHE A 72 15.30 9.34 12.94
C PHE A 72 14.33 9.49 14.13
N HIS A 73 14.35 8.54 15.06
CA HIS A 73 13.44 8.59 16.23
C HIS A 73 13.62 9.80 17.08
N ASP A 74 14.86 10.18 17.28
CA ASP A 74 15.16 11.38 18.06
C ASP A 74 14.52 12.63 17.49
N ASN A 75 14.33 12.65 16.20
CA ASN A 75 13.65 13.74 15.50
C ASN A 75 12.19 13.47 15.13
N ASN A 76 11.57 12.48 15.79
CA ASN A 76 10.15 12.19 15.59
C ASN A 76 9.79 11.80 14.17
N ILE A 77 10.67 11.07 13.50
CA ILE A 77 10.42 10.63 12.12
C ILE A 77 10.07 9.15 12.19
N HIS A 78 8.97 8.77 11.56
CA HIS A 78 8.50 7.36 11.47
C HIS A 78 9.35 6.62 10.41
N VAL A 79 9.83 5.43 10.73
CA VAL A 79 10.70 4.66 9.79
C VAL A 79 10.02 3.35 9.38
N ILE A 80 9.63 3.30 8.11
CA ILE A 80 9.06 2.06 7.52
C ILE A 80 10.19 1.25 6.92
N GLY A 81 10.34 -0.01 7.30
CA GLY A 81 11.35 -0.87 6.72
C GLY A 81 10.86 -1.60 5.49
N ARG A 82 11.47 -1.37 4.33
CA ARG A 82 11.11 -2.11 3.09
C ARG A 82 11.82 -3.48 3.01
N LEU A 83 11.02 -4.53 2.88
CA LEU A 83 11.52 -5.87 2.85
C LEU A 83 11.09 -6.54 1.53
N VAL A 84 12.03 -6.62 0.60
CA VAL A 84 11.75 -7.26 -0.69
C VAL A 84 11.70 -8.76 -0.39
N CYS A 85 10.66 -9.43 -0.90
CA CYS A 85 10.40 -10.84 -0.61
C CYS A 85 10.98 -11.78 -1.66
N PHE A 86 10.26 -12.05 -2.75
CA PHE A 86 10.63 -13.17 -3.64
C PHE A 86 11.64 -12.83 -4.73
N LYS A 87 11.88 -11.52 -4.96
CA LYS A 87 12.93 -11.09 -5.87
C LYS A 87 14.19 -11.05 -5.00
N ASP A 88 14.76 -12.24 -4.84
CA ASP A 88 15.94 -12.45 -4.00
C ASP A 88 16.92 -13.39 -4.71
N PRO A 89 17.91 -12.80 -5.38
CA PRO A 89 18.84 -13.57 -6.15
C PRO A 89 19.95 -14.19 -5.32
N VAL A 90 20.03 -13.85 -4.04
CA VAL A 90 21.07 -14.38 -3.15
C VAL A 90 20.56 -15.72 -2.55
N LEU A 91 19.45 -15.67 -1.82
CA LEU A 91 18.98 -16.90 -1.19
C LEU A 91 18.66 -17.96 -2.25
N SER A 92 18.11 -17.54 -3.39
CA SER A 92 17.62 -18.48 -4.41
C SER A 92 18.79 -19.10 -5.18
N SER A 93 19.95 -18.44 -5.14
CA SER A 93 21.18 -19.03 -5.71
C SER A 93 22.04 -19.79 -4.72
N LYS A 94 22.06 -19.33 -3.47
CA LYS A 94 22.77 -20.07 -2.40
C LYS A 94 22.05 -21.35 -2.03
N LYS A 95 20.73 -21.33 -2.17
CA LYS A 95 19.92 -22.49 -1.82
C LYS A 95 18.98 -22.77 -2.99
N PRO A 96 19.49 -23.43 -4.05
CA PRO A 96 18.73 -23.52 -5.26
C PRO A 96 17.46 -24.32 -5.17
N GLU A 97 17.30 -25.15 -4.13
CA GLU A 97 16.04 -25.85 -3.93
C GLU A 97 14.88 -24.85 -3.72
N LEU A 98 15.21 -23.64 -3.31
CA LEU A 98 14.22 -22.59 -3.02
C LEU A 98 13.90 -21.76 -4.27
N ALA A 99 14.58 -22.01 -5.38
CA ALA A 99 14.46 -21.13 -6.56
C ALA A 99 13.28 -21.53 -7.44
N VAL A 100 12.81 -20.59 -8.24
CA VAL A 100 11.85 -20.92 -9.33
C VAL A 100 12.62 -21.82 -10.30
N LYS A 101 12.01 -22.96 -10.66
CA LYS A 101 12.58 -23.90 -11.59
C LYS A 101 12.16 -23.66 -13.05
N SER A 102 13.04 -24.06 -13.95
CA SER A 102 12.81 -24.02 -15.39
C SER A 102 12.16 -25.31 -15.82
N VAL A 103 11.37 -25.26 -16.88
CA VAL A 103 10.80 -26.50 -17.46
C VAL A 103 11.90 -27.38 -18.00
N ASN A 104 13.03 -26.79 -18.38
CA ASN A 104 14.21 -27.54 -18.83
C ASN A 104 15.09 -28.10 -17.71
N GLY A 105 14.62 -27.97 -16.46
CA GLY A 105 15.38 -28.44 -15.30
C GLY A 105 16.34 -27.37 -14.82
N GLY A 106 16.68 -27.38 -13.54
CA GLY A 106 17.60 -26.36 -13.05
C GLY A 106 16.82 -25.10 -12.75
N SER A 107 17.53 -24.08 -12.25
CA SER A 107 16.94 -22.85 -11.80
C SER A 107 16.60 -22.00 -12.98
N TRP A 108 15.41 -21.41 -12.96
CA TRP A 108 15.01 -20.46 -13.96
C TRP A 108 15.81 -19.15 -13.78
N ARG A 109 16.17 -18.51 -14.88
CA ARG A 109 16.83 -17.17 -14.82
C ARG A 109 16.07 -16.13 -15.65
N ASP A 110 16.01 -14.93 -15.11
CA ASP A 110 15.30 -13.87 -15.80
C ASP A 110 16.21 -13.21 -16.85
N ASN A 111 15.74 -12.10 -17.45
CA ASN A 111 16.48 -11.49 -18.55
C ASN A 111 17.81 -10.87 -18.06
N HIS A 112 18.00 -10.76 -16.75
CA HIS A 112 19.23 -10.27 -16.17
C HIS A 112 20.07 -11.38 -15.53
N ASN A 113 19.78 -12.61 -15.88
CA ASN A 113 20.53 -13.76 -15.41
C ASN A 113 20.34 -14.02 -13.93
N LEU A 114 19.27 -13.53 -13.33
CA LEU A 114 19.03 -13.71 -11.88
C LEU A 114 18.02 -14.79 -11.57
N THR A 115 18.27 -15.51 -10.48
CA THR A 115 17.31 -16.49 -9.97
C THR A 115 16.34 -15.77 -8.99
N TRP A 116 15.14 -16.32 -8.82
CA TRP A 116 14.11 -15.77 -7.92
C TRP A 116 13.64 -16.84 -6.97
N LEU A 117 13.10 -16.46 -5.80
CA LEU A 117 12.49 -17.47 -4.93
C LEU A 117 11.11 -17.91 -5.43
N ASP A 118 10.86 -19.22 -5.34
CA ASP A 118 9.54 -19.78 -5.65
C ASP A 118 8.62 -19.54 -4.44
N PRO A 119 7.57 -18.73 -4.59
CA PRO A 119 6.68 -18.55 -3.46
C PRO A 119 6.00 -19.84 -2.97
N TYR A 120 5.86 -20.81 -3.86
CA TYR A 120 5.28 -22.08 -3.43
C TYR A 120 6.14 -22.88 -2.44
N ASN A 121 7.42 -22.59 -2.41
CA ASN A 121 8.30 -23.32 -1.51
C ASN A 121 8.29 -22.66 -0.15
N LYS A 122 7.50 -23.25 0.77
CA LYS A 122 7.25 -22.58 2.07
C LYS A 122 8.53 -22.53 2.93
N ASP A 123 9.58 -23.23 2.52
CA ASP A 123 10.84 -23.19 3.27
C ASP A 123 11.56 -21.85 3.19
N SER A 124 11.22 -21.01 2.25
CA SER A 124 11.76 -19.64 2.25
C SER A 124 11.00 -18.71 3.20
N TRP A 125 9.79 -19.08 3.59
CA TRP A 125 8.96 -18.16 4.34
C TRP A 125 9.52 -17.78 5.70
N PRO A 126 9.97 -18.75 6.51
CA PRO A 126 10.56 -18.37 7.81
C PRO A 126 11.79 -17.51 7.67
N TYR A 127 12.54 -17.67 6.58
CA TYR A 127 13.72 -16.86 6.36
C TYR A 127 13.36 -15.36 6.20
N LEU A 128 12.38 -15.09 5.37
CA LEU A 128 11.92 -13.73 5.15
C LEU A 128 11.31 -13.13 6.41
N ILE A 129 10.49 -13.92 7.11
CA ILE A 129 9.85 -13.47 8.35
C ILE A 129 10.88 -13.22 9.47
N GLU A 130 11.93 -14.02 9.56
CA GLU A 130 12.95 -13.79 10.57
C GLU A 130 13.63 -12.44 10.31
N ILE A 131 13.83 -12.10 9.05
CA ILE A 131 14.43 -10.79 8.73
C ILE A 131 13.51 -9.67 9.26
N ALA A 132 12.19 -9.80 9.04
CA ALA A 132 11.24 -8.85 9.57
C ALA A 132 11.28 -8.74 11.09
N LYS A 133 11.33 -9.90 11.75
CA LYS A 133 11.32 -9.94 13.19
C LYS A 133 12.56 -9.20 13.75
N GLU A 134 13.70 -9.41 13.12
CA GLU A 134 14.91 -8.77 13.58
C GLU A 134 14.82 -7.29 13.34
N ALA A 135 14.31 -6.90 12.18
CA ALA A 135 14.12 -5.47 11.93
C ALA A 135 13.21 -4.80 12.97
N VAL A 136 12.08 -5.44 13.31
CA VAL A 136 11.22 -4.93 14.37
C VAL A 136 11.98 -4.82 15.70
N GLU A 137 12.81 -5.82 16.02
CA GLU A 137 13.60 -5.77 17.26
C GLU A 137 14.57 -4.59 17.25
N LYS A 138 15.13 -4.28 16.10
CA LYS A 138 16.09 -3.14 15.97
C LYS A 138 15.36 -1.83 16.16
N GLY A 139 14.10 -1.77 15.78
CA GLY A 139 13.29 -0.54 15.97
C GLY A 139 12.47 0.00 14.82
N PHE A 140 12.41 -0.73 13.69
CA PHE A 140 11.59 -0.25 12.62
C PHE A 140 10.17 -0.11 13.06
N ASP A 141 9.49 0.93 12.59
CA ASP A 141 8.11 1.17 13.07
C ASP A 141 7.04 0.42 12.33
N GLU A 142 7.37 -0.11 11.17
CA GLU A 142 6.44 -0.70 10.23
C GLU A 142 7.28 -1.51 9.27
N ILE A 143 6.74 -2.63 8.81
CA ILE A 143 7.37 -3.45 7.76
C ILE A 143 6.52 -3.34 6.51
N GLN A 144 7.15 -3.00 5.39
CA GLN A 144 6.49 -2.95 4.09
C GLN A 144 7.02 -4.08 3.20
N PHE A 145 6.17 -5.03 2.79
CA PHE A 145 6.61 -6.14 1.97
C PHE A 145 6.50 -5.77 0.49
N ASP A 146 7.57 -5.93 -0.27
N ASP A 146 7.59 -5.89 -0.26
CA ASP A 146 7.53 -5.66 -1.70
CA ASP A 146 7.57 -5.64 -1.69
C ASP A 146 7.96 -6.92 -2.47
C ASP A 146 7.97 -6.91 -2.47
N TYR A 147 7.67 -6.93 -3.77
CA TYR A 147 7.90 -8.16 -4.60
C TYR A 147 7.33 -9.39 -4.01
N ILE A 148 6.07 -9.26 -3.67
CA ILE A 148 5.25 -10.39 -3.17
C ILE A 148 4.53 -10.99 -4.37
N ARG A 149 5.33 -11.50 -5.28
CA ARG A 149 4.85 -11.92 -6.60
C ARG A 149 5.81 -12.92 -7.25
N PHE A 150 5.30 -13.56 -8.29
CA PHE A 150 6.09 -14.41 -9.16
C PHE A 150 6.82 -13.53 -10.18
N PRO A 151 7.85 -14.05 -10.84
CA PRO A 151 8.48 -13.30 -11.92
C PRO A 151 7.56 -13.25 -13.15
N ASN A 152 7.84 -12.31 -14.02
CA ASN A 152 7.28 -12.28 -15.39
C ASN A 152 8.15 -13.08 -16.40
N LYS A 157 6.51 -18.93 -20.11
CA LYS A 157 6.06 -20.30 -20.34
C LYS A 157 7.11 -21.27 -19.84
N SER A 158 8.28 -20.75 -19.48
CA SER A 158 9.42 -21.62 -19.17
C SER A 158 9.62 -21.83 -17.67
N SER A 160 8.35 -23.64 -14.18
CA SER A 160 7.67 -24.85 -13.75
C SER A 160 7.39 -24.78 -12.24
N PHE A 161 6.16 -25.09 -11.82
CA PHE A 161 5.80 -25.05 -10.38
C PHE A 161 5.12 -26.35 -9.97
N ASN A 162 5.29 -26.70 -8.71
CA ASN A 162 4.43 -27.65 -7.96
C ASN A 162 3.51 -26.88 -7.04
N THR A 163 2.27 -26.68 -7.47
CA THR A 163 1.41 -25.68 -6.85
C THR A 163 0.72 -26.18 -5.59
N GLY A 164 0.63 -27.49 -5.41
CA GLY A 164 -0.15 -28.03 -4.31
C GLY A 164 -1.65 -27.72 -4.49
N GLY A 165 -2.02 -27.29 -5.69
CA GLY A 165 -3.43 -27.03 -6.04
C GLY A 165 -3.87 -25.61 -5.72
N LYS A 166 -2.90 -24.73 -5.44
CA LYS A 166 -3.20 -23.33 -5.10
C LYS A 166 -2.85 -22.43 -6.27
N GLU A 167 -3.73 -21.47 -6.57
CA GLU A 167 -3.41 -20.47 -7.57
C GLU A 167 -2.32 -19.51 -7.06
N LYS A 168 -1.69 -18.82 -7.99
CA LYS A 168 -0.62 -17.86 -7.61
C LYS A 168 -1.13 -16.82 -6.59
N HIS A 169 -2.33 -16.28 -6.77
CA HIS A 169 -2.80 -15.28 -5.81
C HIS A 169 -3.10 -15.92 -4.43
N GLU A 170 -3.48 -17.20 -4.43
CA GLU A 170 -3.80 -17.88 -3.18
C GLU A 170 -2.56 -18.15 -2.39
N ILE A 171 -1.45 -18.54 -3.07
CA ILE A 171 -0.19 -18.83 -2.32
C ILE A 171 0.42 -17.54 -1.73
N ILE A 172 0.29 -16.43 -2.43
CA ILE A 172 0.80 -15.17 -1.92
C ILE A 172 -0.02 -14.74 -0.71
N ASN A 173 -1.33 -14.88 -0.83
CA ASN A 173 -2.21 -14.64 0.32
C ASN A 173 -1.87 -15.51 1.53
N GLU A 174 -1.54 -16.78 1.29
CA GLU A 174 -1.08 -17.64 2.38
C GLU A 174 0.21 -17.12 3.03
N PHE A 175 1.16 -16.67 2.22
CA PHE A 175 2.42 -16.08 2.69
C PHE A 175 2.11 -14.87 3.60
N LEU A 176 1.22 -13.99 3.14
CA LEU A 176 0.92 -12.79 3.94
C LEU A 176 0.15 -13.13 5.23
N ALA A 177 -0.65 -14.17 5.22
CA ALA A 177 -1.27 -14.64 6.46
C ALA A 177 -0.26 -15.20 7.45
N TYR A 178 0.74 -15.87 6.91
CA TYR A 178 1.82 -16.40 7.73
C TYR A 178 2.58 -15.24 8.34
N ALA A 179 2.91 -14.25 7.53
CA ALA A 179 3.55 -13.07 8.06
C ALA A 179 2.74 -12.40 9.17
N ARG A 180 1.44 -12.28 8.96
CA ARG A 180 0.55 -11.66 9.97
C ARG A 180 0.59 -12.42 11.29
N GLU A 181 0.58 -13.75 11.20
CA GLU A 181 0.57 -14.62 12.37
C GLU A 181 1.91 -14.59 13.11
N GLN A 182 3.00 -14.56 12.37
CA GLN A 182 4.33 -14.56 12.96
C GLN A 182 4.84 -13.22 13.50
N LEU A 183 4.20 -12.12 13.12
CA LEU A 183 4.54 -10.75 13.49
C LEU A 183 3.37 -10.09 14.24
N PRO A 184 2.92 -10.71 15.34
CA PRO A 184 1.77 -10.14 16.06
C PRO A 184 2.11 -8.78 16.61
N GLY A 185 1.17 -7.85 16.46
CA GLY A 185 1.35 -6.54 17.02
C GLY A 185 2.18 -5.58 16.16
N VAL A 186 2.65 -6.02 14.99
CA VAL A 186 3.55 -5.20 14.15
C VAL A 186 2.68 -4.54 13.07
N VAL A 187 2.94 -3.27 12.75
CA VAL A 187 2.28 -2.64 11.61
C VAL A 187 2.93 -3.20 10.33
N LEU A 188 2.11 -3.92 9.57
CA LEU A 188 2.52 -4.47 8.27
C LEU A 188 1.81 -3.74 7.16
N SER A 189 2.48 -3.59 6.03
CA SER A 189 1.84 -3.05 4.79
C SER A 189 2.30 -3.78 3.55
N ALA A 190 1.41 -3.86 2.55
CA ALA A 190 1.75 -4.43 1.25
C ALA A 190 0.63 -4.10 0.25
N ASP A 191 0.93 -4.00 -1.04
CA ASP A 191 -0.07 -3.54 -2.00
C ASP A 191 -0.86 -4.75 -2.51
N VAL A 192 -2.14 -4.76 -2.25
CA VAL A 192 -3.03 -5.83 -2.75
C VAL A 192 -3.03 -5.92 -4.28
N PHE A 193 -2.80 -4.82 -5.01
CA PHE A 193 -2.73 -4.86 -6.49
C PHE A 193 -1.36 -5.28 -7.06
N GLY A 194 -0.40 -5.64 -6.19
CA GLY A 194 0.59 -6.66 -6.50
C GLY A 194 0.03 -8.08 -6.41
N ILE A 195 -1.21 -8.28 -5.93
CA ILE A 195 -1.74 -9.70 -5.80
C ILE A 195 -2.97 -9.92 -6.71
N ILE A 196 -3.89 -8.93 -6.72
CA ILE A 196 -5.12 -8.99 -7.52
C ILE A 196 -4.78 -8.29 -8.84
N LEU A 197 -4.52 -9.04 -9.90
CA LEU A 197 -3.90 -8.48 -11.13
C LEU A 197 -4.76 -8.44 -12.42
N ALA B 4 4.96 8.93 -1.05
CA ALA B 4 4.21 10.18 -1.34
C ALA B 4 3.59 10.86 -0.06
N LEU B 5 3.71 12.20 0.07
CA LEU B 5 3.06 13.01 1.14
C LEU B 5 1.56 13.07 0.80
N TYR B 6 0.71 13.13 1.82
CA TYR B 6 -0.75 13.20 1.61
C TYR B 6 -1.26 14.64 1.73
N LEU B 7 -2.04 15.09 0.75
CA LEU B 7 -2.61 16.43 0.67
C LEU B 7 -4.15 16.33 0.63
N THR B 8 -4.84 17.09 1.49
CA THR B 8 -6.28 17.17 1.41
C THR B 8 -6.69 18.02 0.18
N GLY B 9 -7.95 17.87 -0.21
CA GLY B 9 -8.48 18.70 -1.22
C GLY B 9 -8.38 20.17 -0.87
N TRP B 10 -8.66 20.51 0.39
CA TRP B 10 -8.69 21.91 0.81
C TRP B 10 -7.33 22.54 0.63
N THR B 11 -6.30 21.74 0.86
CA THR B 11 -4.91 22.17 0.77
C THR B 11 -4.55 22.54 -0.67
N VAL B 12 -4.85 21.66 -1.62
CA VAL B 12 -4.50 21.92 -3.02
C VAL B 12 -5.43 22.96 -3.64
N GLY B 13 -6.61 23.18 -3.03
CA GLY B 13 -7.54 24.25 -3.40
C GLY B 13 -7.09 25.65 -3.03
N SER B 14 -6.02 25.77 -2.25
CA SER B 14 -5.41 27.07 -1.97
C SER B 14 -4.25 27.29 -2.96
N ASP B 15 -4.27 28.38 -3.73
CA ASP B 15 -3.20 28.62 -4.74
C ASP B 15 -1.82 28.74 -4.11
N GLU B 16 -1.73 29.39 -2.95
CA GLU B 16 -0.49 29.50 -2.20
C GLU B 16 0.03 28.14 -1.77
N ARG B 17 -0.86 27.30 -1.26
CA ARG B 17 -0.44 25.95 -0.82
C ARG B 17 -0.04 25.08 -1.99
N LEU B 18 -0.79 25.17 -3.05
CA LEU B 18 -0.43 24.38 -4.26
C LEU B 18 0.98 24.73 -4.74
N GLN B 19 1.27 26.02 -4.88
CA GLN B 19 2.60 26.47 -5.26
C GLN B 19 3.70 26.02 -4.28
N HIS B 20 3.36 26.00 -2.98
CA HIS B 20 4.28 25.55 -1.95
C HIS B 20 4.69 24.13 -2.20
N TYR B 21 3.73 23.30 -2.56
CA TYR B 21 4.02 21.90 -2.76
C TYR B 21 4.70 21.60 -4.07
N VAL B 22 4.43 22.44 -5.07
CA VAL B 22 5.19 22.42 -6.31
C VAL B 22 6.67 22.75 -6.06
N ASP B 23 6.90 23.82 -5.31
CA ASP B 23 8.27 24.25 -4.96
C ASP B 23 9.01 23.16 -4.21
N LEU B 24 8.31 22.52 -3.29
CA LEU B 24 8.91 21.47 -2.50
C LEU B 24 9.36 20.33 -3.37
N ALA B 25 8.51 19.91 -4.30
CA ALA B 25 8.85 18.78 -5.17
C ALA B 25 10.01 19.14 -6.11
N ASN B 26 9.99 20.38 -6.62
CA ASN B 26 11.03 20.85 -7.49
C ASN B 26 12.38 20.92 -6.84
N ARG B 27 12.44 21.20 -5.55
CA ARG B 27 13.74 21.34 -4.87
C ARG B 27 14.16 20.13 -4.07
N THR B 28 13.37 19.06 -4.07
CA THR B 28 13.68 17.85 -3.32
C THR B 28 13.44 16.59 -4.12
N GLU B 29 13.66 15.48 -3.42
CA GLU B 29 13.49 14.13 -3.93
C GLU B 29 12.00 13.73 -4.08
N ILE B 30 11.10 14.51 -3.53
CA ILE B 30 9.67 14.26 -3.70
C ILE B 30 9.26 14.36 -5.17
N ASN B 31 8.53 13.36 -5.66
CA ASN B 31 8.09 13.34 -7.05
C ASN B 31 6.68 12.89 -7.18
N ALA B 32 5.97 12.78 -6.05
CA ALA B 32 4.60 12.36 -6.07
C ALA B 32 3.84 12.89 -4.82
N TYR B 33 2.54 13.10 -4.99
CA TYR B 33 1.64 13.40 -3.90
C TYR B 33 0.38 12.54 -3.98
N VAL B 34 -0.17 12.20 -2.81
CA VAL B 34 -1.53 11.66 -2.76
C VAL B 34 -2.47 12.82 -2.50
N VAL B 35 -3.51 12.95 -3.31
CA VAL B 35 -4.49 14.00 -3.21
C VAL B 35 -5.84 13.35 -3.06
N ASP B 36 -6.64 13.78 -2.09
CA ASP B 36 -7.96 13.16 -1.96
C ASP B 36 -8.91 13.41 -3.16
N ILE B 37 -9.48 12.34 -3.67
CA ILE B 37 -10.63 12.39 -4.58
C ILE B 37 -11.90 12.45 -3.70
N LYS B 38 -12.04 11.48 -2.81
CA LYS B 38 -13.18 11.39 -1.88
C LYS B 38 -12.59 11.03 -0.52
N ASP B 39 -12.62 11.97 0.42
CA ASP B 39 -12.16 11.78 1.78
C ASP B 39 -13.23 11.10 2.63
N ASP B 40 -12.95 10.92 3.93
CA ASP B 40 -13.87 10.21 4.80
C ASP B 40 -15.09 10.99 5.24
N ASP B 41 -15.20 12.24 4.76
CA ASP B 41 -16.46 12.98 4.86
C ASP B 41 -17.56 12.58 3.90
N GLY B 42 -17.22 11.82 2.85
CA GLY B 42 -18.16 11.28 1.87
C GLY B 42 -18.40 12.22 0.72
N TYR B 43 -17.63 13.31 0.62
CA TYR B 43 -17.78 14.22 -0.53
C TYR B 43 -16.59 14.07 -1.49
N VAL B 44 -16.91 14.03 -2.78
CA VAL B 44 -15.91 14.17 -3.82
C VAL B 44 -15.45 15.62 -3.70
N GLY B 45 -14.14 15.83 -3.76
CA GLY B 45 -13.52 17.12 -3.48
C GLY B 45 -13.45 18.14 -4.61
N TYR B 46 -14.03 17.79 -5.75
CA TYR B 46 -14.18 18.68 -6.86
C TYR B 46 -15.56 18.45 -7.42
N GLU B 47 -16.02 19.36 -8.27
CA GLU B 47 -17.35 19.24 -8.81
C GLU B 47 -17.42 18.02 -9.71
N SER B 48 -18.33 17.10 -9.42
CA SER B 48 -18.47 15.88 -10.15
C SER B 48 -19.60 16.02 -11.16
N ASN B 49 -19.48 15.33 -12.29
CA ASN B 49 -20.59 15.24 -13.21
C ASN B 49 -21.26 13.91 -13.24
N ILE B 50 -20.98 13.07 -12.26
CA ILE B 50 -21.64 11.75 -12.16
C ILE B 50 -23.04 11.97 -11.65
N PRO B 51 -24.05 11.46 -12.37
CA PRO B 51 -25.42 11.71 -11.93
C PRO B 51 -25.74 11.26 -10.51
N ALA B 52 -25.34 10.07 -10.11
CA ALA B 52 -25.56 9.61 -8.73
C ALA B 52 -24.95 10.50 -7.63
N VAL B 53 -23.76 11.03 -7.88
CA VAL B 53 -23.06 11.94 -6.95
C VAL B 53 -23.80 13.30 -6.87
N ARG B 54 -24.23 13.81 -8.03
CA ARG B 54 -24.89 15.10 -8.06
C ARG B 54 -26.26 15.03 -7.43
N GLU B 55 -26.96 13.95 -7.71
CA GLU B 55 -28.30 13.74 -7.17
C GLU B 55 -28.41 13.82 -5.64
N ILE B 56 -27.37 13.37 -4.91
CA ILE B 56 -27.38 13.40 -3.43
C ILE B 56 -26.50 14.49 -2.83
N GLY B 57 -25.95 15.36 -3.68
CA GLY B 57 -25.10 16.46 -3.22
C GLY B 57 -23.75 16.04 -2.69
N ALA B 58 -23.22 14.92 -3.17
CA ALA B 58 -22.00 14.34 -2.56
C ALA B 58 -20.70 14.84 -3.19
N TRP B 59 -20.63 16.15 -3.47
CA TRP B 59 -19.41 16.80 -3.94
C TRP B 59 -19.36 18.19 -3.37
N LYS B 60 -18.14 18.70 -3.26
CA LYS B 60 -17.84 20.05 -2.79
C LYS B 60 -16.72 20.56 -3.63
N SER B 61 -16.66 21.87 -3.79
CA SER B 61 -15.57 22.50 -4.51
C SER B 61 -14.37 22.75 -3.64
N LYS B 62 -13.72 21.70 -3.18
CA LYS B 62 -12.55 21.88 -2.36
C LYS B 62 -11.42 22.43 -3.24
N TYR B 63 -11.29 21.87 -4.45
CA TYR B 63 -10.30 22.33 -5.39
C TYR B 63 -10.75 22.20 -6.85
N ASN B 64 -9.99 22.88 -7.72
CA ASN B 64 -10.22 22.83 -9.15
C ASN B 64 -9.35 21.67 -9.64
N VAL B 65 -9.96 20.54 -9.91
CA VAL B 65 -9.17 19.36 -10.24
C VAL B 65 -8.34 19.53 -11.55
N ASP B 66 -8.89 20.20 -12.53
CA ASP B 66 -8.16 20.38 -13.78
C ASP B 66 -6.91 21.24 -13.54
N LYS B 67 -7.05 22.32 -12.80
CA LYS B 67 -5.92 23.22 -12.49
C LYS B 67 -4.83 22.51 -11.65
N VAL B 68 -5.26 21.74 -10.65
CA VAL B 68 -4.34 21.10 -9.73
C VAL B 68 -3.54 20.02 -10.49
N LEU B 69 -4.25 19.18 -11.28
CA LEU B 69 -3.55 18.13 -12.02
C LEU B 69 -2.63 18.73 -13.06
N LYS B 70 -3.11 19.74 -13.78
CA LYS B 70 -2.25 20.42 -14.77
C LYS B 70 -0.96 20.93 -14.13
N THR B 71 -1.06 21.59 -12.98
CA THR B 71 0.08 22.22 -12.30
C THR B 71 1.03 21.14 -11.86
N PHE B 72 0.53 20.10 -11.21
CA PHE B 72 1.41 19.00 -10.87
C PHE B 72 2.05 18.33 -12.06
N HIS B 73 1.29 18.01 -13.11
CA HIS B 73 1.89 17.36 -14.29
C HIS B 73 2.93 18.16 -15.03
N ASP B 74 2.67 19.47 -15.14
CA ASP B 74 3.63 20.41 -15.71
C ASP B 74 4.97 20.40 -15.04
N ASN B 75 5.00 19.97 -13.77
CA ASN B 75 6.21 19.87 -12.95
C ASN B 75 6.64 18.43 -12.69
N ASN B 76 6.19 17.47 -13.50
CA ASN B 76 6.66 16.11 -13.39
C ASN B 76 6.40 15.43 -12.05
N ILE B 77 5.25 15.74 -11.47
CA ILE B 77 4.87 15.17 -10.19
C ILE B 77 3.76 14.18 -10.46
N HIS B 78 3.88 12.98 -9.90
CA HIS B 78 2.88 11.90 -10.07
C HIS B 78 1.77 12.10 -9.05
N VAL B 79 0.51 12.05 -9.47
CA VAL B 79 -0.60 12.36 -8.59
C VAL B 79 -1.44 11.08 -8.34
N ILE B 80 -1.41 10.62 -7.11
CA ILE B 80 -2.21 9.49 -6.66
C ILE B 80 -3.52 10.03 -6.15
N GLY B 81 -4.67 9.52 -6.63
CA GLY B 81 -5.93 9.98 -6.11
C GLY B 81 -6.40 9.03 -5.01
N ARG B 82 -6.63 9.53 -3.80
CA ARG B 82 -7.14 8.72 -2.71
C ARG B 82 -8.67 8.68 -2.71
N LEU B 83 -9.22 7.48 -2.69
CA LEU B 83 -10.64 7.23 -2.81
C LEU B 83 -11.05 6.39 -1.60
N VAL B 84 -11.66 7.06 -0.63
CA VAL B 84 -12.18 6.38 0.53
C VAL B 84 -13.43 5.62 0.07
N CYS B 85 -13.50 4.36 0.43
CA CYS B 85 -14.56 3.46 -0.04
C CYS B 85 -15.71 3.44 0.96
N PHE B 86 -15.63 2.57 1.96
CA PHE B 86 -16.84 2.30 2.74
C PHE B 86 -17.09 3.19 3.92
N LYS B 87 -16.12 4.00 4.35
CA LYS B 87 -16.37 5.04 5.35
C LYS B 87 -16.90 6.26 4.59
N ASP B 88 -18.18 6.18 4.29
CA ASP B 88 -18.91 7.18 3.53
C ASP B 88 -20.22 7.48 4.25
N PRO B 89 -20.24 8.56 5.02
CA PRO B 89 -21.46 8.85 5.78
C PRO B 89 -22.50 9.55 4.96
N VAL B 90 -22.16 10.01 3.76
CA VAL B 90 -23.10 10.73 2.89
C VAL B 90 -23.90 9.69 2.09
N LEU B 91 -23.25 8.83 1.34
CA LEU B 91 -24.00 7.90 0.53
C LEU B 91 -24.84 7.00 1.45
N SER B 92 -24.27 6.57 2.59
CA SER B 92 -24.97 5.62 3.50
C SER B 92 -26.14 6.29 4.24
N SER B 93 -26.15 7.62 4.36
CA SER B 93 -27.31 8.32 4.92
C SER B 93 -28.32 8.75 3.89
N LYS B 94 -27.87 9.15 2.72
CA LYS B 94 -28.78 9.55 1.62
C LYS B 94 -29.48 8.37 0.98
N LYS B 95 -28.86 7.22 0.95
CA LYS B 95 -29.44 6.02 0.38
C LYS B 95 -29.34 4.91 1.43
N PRO B 96 -30.24 4.91 2.40
CA PRO B 96 -30.01 4.10 3.58
C PRO B 96 -30.02 2.61 3.35
N GLU B 97 -30.61 2.16 2.25
N GLU B 97 -30.61 2.15 2.25
CA GLU B 97 -30.56 0.74 1.87
CA GLU B 97 -30.56 0.71 1.90
C GLU B 97 -29.09 0.24 1.80
C GLU B 97 -29.10 0.22 1.73
N LEU B 98 -28.17 1.14 1.50
CA LEU B 98 -26.74 0.82 1.33
C LEU B 98 -25.95 0.82 2.66
N ALA B 99 -26.58 1.28 3.75
CA ALA B 99 -25.89 1.42 5.03
C ALA B 99 -25.73 0.12 5.78
N VAL B 100 -24.69 0.06 6.61
CA VAL B 100 -24.59 -0.98 7.64
C VAL B 100 -25.81 -0.87 8.56
N LYS B 101 -26.54 -1.94 8.71
CA LYS B 101 -27.67 -2.04 9.63
C LYS B 101 -27.27 -2.38 11.05
N SER B 102 -28.09 -1.92 12.00
CA SER B 102 -27.95 -2.23 13.42
C SER B 102 -28.76 -3.49 13.79
N VAL B 103 -28.30 -4.25 14.75
CA VAL B 103 -29.05 -5.45 15.21
C VAL B 103 -30.38 -5.14 15.87
N ASN B 104 -30.47 -3.91 16.37
CA ASN B 104 -31.56 -3.48 17.20
C ASN B 104 -32.53 -2.97 16.17
N GLY B 105 -32.24 -1.81 15.62
CA GLY B 105 -33.03 -1.41 14.47
C GLY B 105 -32.44 -0.19 13.82
N GLY B 106 -32.63 -0.13 12.51
CA GLY B 106 -32.18 1.02 11.74
C GLY B 106 -30.75 0.88 11.24
N SER B 107 -30.15 2.02 10.95
CA SER B 107 -28.79 2.08 10.44
C SER B 107 -27.85 2.15 11.63
N TRP B 108 -26.76 1.38 11.56
CA TRP B 108 -25.74 1.37 12.56
C TRP B 108 -25.01 2.72 12.58
N ARG B 109 -24.60 3.18 13.74
CA ARG B 109 -23.80 4.39 13.80
C ARG B 109 -22.59 4.17 14.65
N ASP B 110 -21.48 4.72 14.20
CA ASP B 110 -20.27 4.58 14.94
C ASP B 110 -20.20 5.54 16.17
N ASN B 111 -19.06 5.60 16.82
CA ASN B 111 -18.89 6.41 18.05
C ASN B 111 -19.00 7.90 17.79
N HIS B 112 -18.89 8.28 16.51
CA HIS B 112 -19.01 9.70 16.08
C HIS B 112 -20.34 9.93 15.38
N ASN B 113 -21.27 9.00 15.54
CA ASN B 113 -22.60 9.16 15.08
C ASN B 113 -22.72 9.06 13.55
N LEU B 114 -21.77 8.42 12.90
CA LEU B 114 -21.81 8.35 11.44
C LEU B 114 -22.23 6.95 10.96
N THR B 115 -22.98 6.94 9.86
CA THR B 115 -23.33 5.70 9.15
C THR B 115 -22.18 5.34 8.17
N TRP B 116 -22.07 4.05 7.88
CA TRP B 116 -21.09 3.50 6.99
C TRP B 116 -21.78 2.72 5.87
N LEU B 117 -21.10 2.54 4.75
CA LEU B 117 -21.61 1.64 3.72
C LEU B 117 -21.32 0.18 4.05
N ASP B 118 -22.31 -0.69 3.77
CA ASP B 118 -22.18 -2.12 3.94
C ASP B 118 -21.49 -2.77 2.72
N PRO B 119 -20.26 -3.29 2.94
CA PRO B 119 -19.54 -3.89 1.80
C PRO B 119 -20.28 -5.01 1.10
N TYR B 120 -21.12 -5.70 1.86
CA TYR B 120 -21.86 -6.80 1.29
C TYR B 120 -22.90 -6.31 0.29
N ASN B 121 -23.34 -5.05 0.39
CA ASN B 121 -24.35 -4.55 -0.57
C ASN B 121 -23.67 -4.04 -1.84
N LYS B 122 -23.74 -4.87 -2.87
CA LYS B 122 -23.03 -4.60 -4.10
C LYS B 122 -23.55 -3.39 -4.85
N ASP B 123 -24.69 -2.86 -4.43
CA ASP B 123 -25.26 -1.71 -5.12
C ASP B 123 -24.48 -0.42 -4.83
N SER B 124 -23.59 -0.44 -3.84
CA SER B 124 -22.67 0.67 -3.63
C SER B 124 -21.44 0.60 -4.52
N TRP B 125 -21.16 -0.56 -5.09
CA TRP B 125 -19.85 -0.76 -5.75
C TRP B 125 -19.69 0.06 -7.03
N PRO B 126 -20.73 0.05 -7.89
CA PRO B 126 -20.58 0.87 -9.09
C PRO B 126 -20.46 2.39 -8.79
N TYR B 127 -21.06 2.86 -7.72
CA TYR B 127 -20.93 4.27 -7.30
C TYR B 127 -19.46 4.63 -7.02
N LEU B 128 -18.77 3.77 -6.26
CA LEU B 128 -17.39 4.03 -5.95
C LEU B 128 -16.53 3.91 -7.18
N ILE B 129 -16.79 2.89 -8.02
CA ILE B 129 -15.97 2.71 -9.24
C ILE B 129 -16.19 3.85 -10.21
N GLU B 130 -17.40 4.39 -10.29
CA GLU B 130 -17.65 5.52 -11.20
C GLU B 130 -16.92 6.78 -10.78
N ILE B 131 -16.79 6.99 -9.48
CA ILE B 131 -15.92 8.05 -8.98
C ILE B 131 -14.49 7.86 -9.45
N ALA B 132 -14.00 6.65 -9.38
CA ALA B 132 -12.62 6.33 -9.80
C ALA B 132 -12.49 6.55 -11.27
N LYS B 133 -13.49 6.13 -12.04
CA LYS B 133 -13.42 6.33 -13.50
C LYS B 133 -13.36 7.80 -13.87
N GLU B 134 -14.15 8.60 -13.15
CA GLU B 134 -14.15 10.02 -13.40
C GLU B 134 -12.80 10.63 -13.03
N ALA B 135 -12.22 10.21 -11.92
CA ALA B 135 -10.90 10.78 -11.55
C ALA B 135 -9.84 10.43 -12.60
N VAL B 136 -9.86 9.19 -13.10
CA VAL B 136 -8.96 8.77 -14.16
C VAL B 136 -9.17 9.67 -15.39
N GLU B 137 -10.41 9.92 -15.78
CA GLU B 137 -10.66 10.77 -16.91
C GLU B 137 -10.10 12.21 -16.71
N LYS B 138 -10.18 12.71 -15.48
CA LYS B 138 -9.63 14.05 -15.20
C LYS B 138 -8.11 14.08 -15.30
N GLY B 139 -7.47 12.96 -14.99
CA GLY B 139 -6.01 12.87 -15.15
C GLY B 139 -5.22 12.27 -13.99
N PHE B 140 -5.87 11.76 -12.94
CA PHE B 140 -5.14 11.11 -11.88
C PHE B 140 -4.28 9.99 -12.44
N ASP B 141 -3.06 9.86 -11.93
CA ASP B 141 -2.15 8.86 -12.42
C ASP B 141 -2.32 7.46 -11.83
N GLU B 142 -2.95 7.40 -10.67
CA GLU B 142 -3.11 6.17 -9.91
C GLU B 142 -4.28 6.40 -8.98
N ILE B 143 -5.02 5.33 -8.67
CA ILE B 143 -6.13 5.38 -7.68
C ILE B 143 -5.74 4.54 -6.48
N GLN B 144 -5.77 5.14 -5.29
CA GLN B 144 -5.47 4.48 -4.01
C GLN B 144 -6.75 4.32 -3.22
N PHE B 145 -7.21 3.10 -2.98
CA PHE B 145 -8.43 2.88 -2.27
C PHE B 145 -8.13 2.78 -0.78
N ASP B 146 -8.87 3.53 0.03
N ASP B 146 -8.89 3.51 0.03
CA ASP B 146 -8.73 3.45 1.49
CA ASP B 146 -8.73 3.46 1.47
C ASP B 146 -10.06 3.00 2.10
C ASP B 146 -10.09 3.13 2.14
N TYR B 147 -10.03 2.67 3.39
CA TYR B 147 -11.24 2.20 4.10
C TYR B 147 -11.97 1.15 3.30
N ILE B 148 -11.20 0.16 2.88
CA ILE B 148 -11.74 -1.03 2.20
C ILE B 148 -11.96 -2.07 3.27
N ARG B 149 -12.83 -1.75 4.23
CA ARG B 149 -13.01 -2.54 5.41
C ARG B 149 -14.39 -2.28 6.00
N PHE B 150 -14.76 -3.18 6.94
CA PHE B 150 -15.94 -3.02 7.78
C PHE B 150 -15.57 -2.07 8.91
N PRO B 151 -16.58 -1.45 9.54
CA PRO B 151 -16.36 -0.67 10.75
C PRO B 151 -15.89 -1.52 11.94
N ASN B 152 -15.18 -0.94 12.89
CA ASN B 152 -14.78 -1.69 14.12
C ASN B 152 -15.90 -1.67 15.15
N LYS B 157 -20.95 -6.02 19.13
CA LYS B 157 -21.94 -7.00 18.68
C LYS B 157 -23.17 -6.38 18.00
N SER B 158 -23.03 -5.22 17.38
CA SER B 158 -24.24 -4.42 17.12
C SER B 158 -24.53 -4.20 15.65
N SER B 160 -25.46 -5.74 11.82
CA SER B 160 -26.18 -6.86 11.22
C SER B 160 -25.89 -6.95 9.72
N PHE B 161 -25.55 -8.14 9.21
CA PHE B 161 -25.28 -8.31 7.78
C PHE B 161 -26.02 -9.49 7.22
N ASN B 162 -26.35 -9.42 5.93
CA ASN B 162 -26.72 -10.59 5.12
C ASN B 162 -25.54 -10.95 4.23
N THR B 163 -24.80 -11.95 4.67
CA THR B 163 -23.46 -12.22 4.15
C THR B 163 -23.45 -13.01 2.84
N GLY B 164 -24.58 -13.64 2.52
CA GLY B 164 -24.60 -14.65 1.49
C GLY B 164 -23.56 -15.76 1.69
N GLY B 165 -23.16 -16.04 2.94
CA GLY B 165 -22.21 -17.09 3.21
C GLY B 165 -20.76 -16.66 2.95
N LYS B 166 -20.52 -15.39 2.69
CA LYS B 166 -19.16 -14.95 2.48
C LYS B 166 -18.57 -14.28 3.74
N GLU B 167 -17.31 -14.56 4.03
CA GLU B 167 -16.58 -13.92 5.13
C GLU B 167 -16.24 -12.48 4.72
N LYS B 168 -15.96 -11.65 5.72
CA LYS B 168 -15.64 -10.26 5.48
C LYS B 168 -14.45 -10.07 4.52
N HIS B 169 -13.37 -10.82 4.70
CA HIS B 169 -12.20 -10.66 3.85
C HIS B 169 -12.55 -11.09 2.42
N GLU B 170 -13.46 -12.06 2.28
CA GLU B 170 -13.81 -12.53 0.92
C GLU B 170 -14.62 -11.48 0.16
N ILE B 171 -15.55 -10.79 0.84
CA ILE B 171 -16.37 -9.80 0.13
C ILE B 171 -15.52 -8.62 -0.21
N ILE B 172 -14.56 -8.25 0.63
CA ILE B 172 -13.66 -7.18 0.24
C ILE B 172 -12.82 -7.58 -0.98
N ASN B 173 -12.30 -8.79 -0.99
CA ASN B 173 -11.52 -9.21 -2.17
C ASN B 173 -12.39 -9.20 -3.40
N GLU B 174 -13.67 -9.59 -3.25
CA GLU B 174 -14.59 -9.49 -4.40
C GLU B 174 -14.73 -8.08 -4.88
N PHE B 175 -14.84 -7.13 -3.95
CA PHE B 175 -14.93 -5.72 -4.31
C PHE B 175 -13.67 -5.29 -5.07
N LEU B 176 -12.52 -5.70 -4.59
CA LEU B 176 -11.24 -5.27 -5.23
C LEU B 176 -11.09 -5.89 -6.64
N ALA B 177 -11.52 -7.13 -6.80
CA ALA B 177 -11.60 -7.78 -8.11
C ALA B 177 -12.52 -7.04 -9.09
N TYR B 178 -13.66 -6.55 -8.58
CA TYR B 178 -14.59 -5.73 -9.37
C TYR B 178 -13.92 -4.44 -9.80
N ALA B 179 -13.21 -3.79 -8.87
CA ALA B 179 -12.50 -2.56 -9.22
C ALA B 179 -11.45 -2.88 -10.29
N ARG B 180 -10.72 -3.96 -10.12
CA ARG B 180 -9.68 -4.34 -11.09
C ARG B 180 -10.25 -4.56 -12.47
N GLU B 181 -11.38 -5.25 -12.53
CA GLU B 181 -11.99 -5.53 -13.80
C GLU B 181 -12.60 -4.27 -14.47
N GLN B 182 -13.15 -3.35 -13.68
CA GLN B 182 -13.85 -2.21 -14.21
C GLN B 182 -12.92 -1.07 -14.60
N LEU B 183 -11.66 -1.13 -14.12
CA LEU B 183 -10.64 -0.09 -14.33
C LEU B 183 -9.43 -0.68 -15.06
N PRO B 184 -9.65 -1.20 -16.29
CA PRO B 184 -8.55 -1.82 -17.01
C PRO B 184 -7.48 -0.79 -17.36
N GLY B 185 -6.24 -1.21 -17.18
CA GLY B 185 -5.09 -0.38 -17.49
C GLY B 185 -4.79 0.73 -16.51
N VAL B 186 -5.56 0.86 -15.42
CA VAL B 186 -5.35 1.89 -14.42
C VAL B 186 -4.43 1.33 -13.32
N VAL B 187 -3.49 2.16 -12.87
CA VAL B 187 -2.65 1.85 -11.72
C VAL B 187 -3.49 1.98 -10.46
N LEU B 188 -3.74 0.83 -9.84
CA LEU B 188 -4.52 0.79 -8.58
C LEU B 188 -3.62 0.37 -7.43
N SER B 189 -3.89 0.89 -6.23
CA SER B 189 -3.14 0.51 -5.01
C SER B 189 -4.07 0.45 -3.85
N ALA B 190 -3.78 -0.47 -2.93
CA ALA B 190 -4.53 -0.53 -1.65
C ALA B 190 -3.71 -1.45 -0.69
N ASP B 191 -3.86 -1.26 0.60
CA ASP B 191 -3.08 -1.99 1.58
C ASP B 191 -3.76 -3.28 1.93
N VAL B 192 -3.07 -4.36 1.67
CA VAL B 192 -3.64 -5.69 1.97
C VAL B 192 -3.91 -5.86 3.49
N PHE B 193 -3.12 -5.22 4.35
CA PHE B 193 -3.26 -5.39 5.79
C PHE B 193 -4.31 -4.47 6.39
N GLY B 194 -4.99 -3.72 5.54
CA GLY B 194 -6.34 -3.30 5.83
C GLY B 194 -7.37 -4.40 5.51
N ILE B 195 -6.96 -5.56 5.00
CA ILE B 195 -7.88 -6.75 4.77
C ILE B 195 -7.40 -8.07 5.50
N ILE B 196 -6.07 -8.32 5.60
CA ILE B 196 -5.52 -9.62 6.19
C ILE B 196 -5.20 -9.30 7.66
N LEU B 197 -6.11 -9.67 8.59
CA LEU B 197 -6.11 -9.16 9.98
C LEU B 197 -5.68 -10.24 10.97
#